data_4ZAJ
#
_entry.id   4ZAJ
#
_cell.length_a   54.720
_cell.length_b   61.920
_cell.length_c   208.470
_cell.angle_alpha   90.000
_cell.angle_beta   90.000
_cell.angle_gamma   90.000
#
_symmetry.space_group_name_H-M   'P 21 21 21'
#
loop_
_entity.id
_entity.type
_entity.pdbx_description
1 polymer 'Arginine--tRNA ligase, cytoplasmic'
2 water water
#
_entity_poly.entity_id   1
_entity_poly.type   'polypeptide(L)'
_entity_poly.pdbx_seq_one_letter_code
;MINIISRLQEVFGHAIKAAYPDLENPPLLVTPSQQAKFGDYQCNSAMGISQMLKTKEQKVNPREIAENITKHLPDNECIE
KVEIAGPGFINVHLRKDFVSEQLTSLLVNGVQLPALGENKKVIVDFSSPNIAKEMHVGHLRSTIIGESISRLFEFAGYDV
LRLNHVGDWGTQFGMLIAHLQDKFPDYLTVSPPIGDLQVFYKESKKRFDTEEEFKKRAYQCVVLLQGKNPDITKAWKLIC
DVSRQELNKIYDALDVSLIERGESFYQDRMNDIVKEFEDRGFVQVDDGRKIVFVPGCSIPLTIVKSDGGYTYDTSDLAAI
KQRLFEEKADMIIYVVDNGQSVHFQTIFAAAQMIGWYDPKVTRVFHAGFGVVLGEDKKKFKTRSGETVRLMDLLGEGLKR
SMDKLKEKERDKVLTAEELNAAQTSVAYGCIKYADLSHNRLNDYIFSFDKMLDDRGNTAAYLLYAFTRIRSIARLANIDE
EMLQKAARETKILLDHEKEWKLGRCILRFPEILQKILDDLFLHTLCDYIYELATAFTEFYDSCYCVEKDRQTGKILKVNM
WRMLLCEAVAAVMAKGFDILGIKPVQRMENLYFQSHHHHHH
;
_entity_poly.pdbx_strand_id   A
#
# COMPACT_ATOMS: atom_id res chain seq x y z
N MET A 1 -20.64 1.14 2.55
CA MET A 1 -21.13 0.19 1.51
C MET A 1 -21.22 -1.21 2.11
N ILE A 2 -22.09 -2.03 1.55
CA ILE A 2 -22.24 -3.45 1.95
C ILE A 2 -21.16 -4.27 1.25
N ASN A 3 -20.59 -5.23 1.98
CA ASN A 3 -19.74 -6.22 1.39
C ASN A 3 -20.65 -7.37 0.97
N ILE A 4 -20.86 -7.53 -0.33
CA ILE A 4 -21.89 -8.44 -0.84
C ILE A 4 -21.55 -9.87 -0.50
N ILE A 5 -20.27 -10.21 -0.54
CA ILE A 5 -19.78 -11.52 -0.16
C ILE A 5 -20.22 -11.85 1.25
N SER A 6 -19.99 -10.91 2.18
CA SER A 6 -20.41 -11.08 3.57
C SER A 6 -21.92 -11.15 3.73
N ARG A 7 -22.62 -10.28 3.03
CA ARG A 7 -24.09 -10.31 3.01
C ARG A 7 -24.59 -11.69 2.50
N LEU A 8 -24.05 -12.14 1.36
CA LEU A 8 -24.42 -13.44 0.83
C LEU A 8 -24.10 -14.58 1.79
N GLN A 9 -22.95 -14.50 2.47
CA GLN A 9 -22.62 -15.49 3.51
C GLN A 9 -23.72 -15.58 4.56
N GLU A 10 -24.18 -14.43 5.05
CA GLU A 10 -25.28 -14.41 6.00
C GLU A 10 -26.57 -14.99 5.43
N VAL A 11 -26.92 -14.59 4.21
CA VAL A 11 -28.16 -15.06 3.57
C VAL A 11 -28.15 -16.59 3.42
N PHE A 12 -27.02 -17.13 2.96
CA PHE A 12 -26.88 -18.57 2.76
C PHE A 12 -26.71 -19.34 4.06
N GLY A 13 -26.06 -18.71 5.04
CA GLY A 13 -25.96 -19.24 6.39
C GLY A 13 -27.32 -19.47 7.03
N HIS A 14 -28.20 -18.49 6.89
CA HIS A 14 -29.59 -18.64 7.32
C HIS A 14 -30.23 -19.86 6.62
N ALA A 15 -30.12 -19.94 5.29
CA ALA A 15 -30.71 -21.06 4.53
C ALA A 15 -30.19 -22.43 4.97
N ILE A 16 -28.89 -22.52 5.23
CA ILE A 16 -28.27 -23.77 5.70
C ILE A 16 -28.72 -24.16 7.09
N LYS A 17 -28.89 -23.17 7.98
CA LYS A 17 -29.36 -23.44 9.33
C LYS A 17 -30.80 -23.93 9.34
N ALA A 18 -31.65 -23.32 8.51
CA ALA A 18 -33.04 -23.73 8.37
C ALA A 18 -33.20 -25.10 7.68
N ALA A 19 -32.32 -25.40 6.73
CA ALA A 19 -32.35 -26.68 6.03
C ALA A 19 -31.62 -27.81 6.78
N TYR A 20 -30.60 -27.47 7.58
CA TYR A 20 -29.76 -28.44 8.30
C TYR A 20 -29.38 -27.95 9.72
N PRO A 21 -30.37 -27.83 10.62
CA PRO A 21 -30.14 -27.21 11.95
C PRO A 21 -29.15 -27.91 12.91
N ASP A 22 -28.81 -29.17 12.66
CA ASP A 22 -27.82 -29.89 13.49
C ASP A 22 -26.35 -29.50 13.26
N LEU A 23 -26.07 -28.80 12.15
CA LEU A 23 -24.72 -28.35 11.82
C LEU A 23 -24.56 -26.92 12.31
N GLU A 24 -23.70 -26.71 13.32
CA GLU A 24 -23.65 -25.42 14.05
C GLU A 24 -22.54 -24.43 13.60
N ASN A 25 -21.68 -24.84 12.66
CA ASN A 25 -20.74 -23.91 12.01
C ASN A 25 -20.29 -24.41 10.62
N PRO A 26 -21.26 -24.56 9.69
CA PRO A 26 -20.95 -25.09 8.36
C PRO A 26 -20.18 -24.06 7.53
N PRO A 27 -19.40 -24.52 6.53
CA PRO A 27 -18.68 -23.59 5.68
C PRO A 27 -19.62 -22.82 4.72
N LEU A 28 -19.44 -21.50 4.69
CA LEU A 28 -20.21 -20.58 3.85
C LEU A 28 -19.25 -20.02 2.80
N LEU A 29 -19.24 -20.63 1.63
CA LEU A 29 -18.22 -20.38 0.60
C LEU A 29 -18.82 -19.54 -0.55
N VAL A 30 -18.56 -18.24 -0.51
CA VAL A 30 -19.10 -17.30 -1.47
C VAL A 30 -17.97 -16.64 -2.21
N THR A 31 -18.07 -16.59 -3.53
CA THR A 31 -17.04 -16.06 -4.44
C THR A 31 -17.71 -15.38 -5.63
N PRO A 32 -17.07 -14.34 -6.20
CA PRO A 32 -17.63 -13.73 -7.41
C PRO A 32 -17.41 -14.63 -8.62
N SER A 33 -18.34 -14.61 -9.58
CA SER A 33 -18.16 -15.35 -10.84
C SER A 33 -16.97 -14.77 -11.61
N GLN A 34 -16.06 -15.55 -12.23
CA GLN A 34 -16.23 -16.91 -12.83
C GLN A 34 -17.25 -16.89 -13.98
N GLN A 35 -17.21 -15.81 -14.76
CA GLN A 35 -18.06 -15.61 -15.92
C GLN A 35 -17.16 -15.15 -17.08
N ALA A 36 -17.06 -15.86 -18.21
CA ALA A 36 -17.69 -17.16 -18.56
C ALA A 36 -19.25 -17.04 -18.53
N LYS A 37 -19.96 -17.98 -17.88
CA LYS A 37 -21.43 -18.07 -17.94
C LYS A 37 -22.10 -17.16 -16.91
N PHE A 38 -23.40 -16.95 -17.07
CA PHE A 38 -24.18 -16.04 -16.23
C PHE A 38 -24.06 -16.35 -14.71
N GLY A 39 -24.22 -15.30 -13.90
CA GLY A 39 -24.04 -15.34 -12.45
C GLY A 39 -23.20 -14.17 -11.97
N ASP A 40 -23.61 -13.56 -10.85
CA ASP A 40 -22.79 -12.52 -10.20
C ASP A 40 -21.89 -13.06 -9.09
N TYR A 41 -22.43 -13.99 -8.30
CA TYR A 41 -21.68 -14.68 -7.26
C TYR A 41 -22.04 -16.16 -7.30
N GLN A 42 -21.19 -16.98 -6.71
CA GLN A 42 -21.45 -18.41 -6.56
C GLN A 42 -21.35 -18.79 -5.10
N CYS A 43 -22.28 -19.63 -4.64
CA CYS A 43 -22.18 -20.26 -3.33
C CYS A 43 -21.83 -21.74 -3.48
N ASN A 44 -20.73 -22.15 -2.84
CA ASN A 44 -20.13 -23.47 -3.04
C ASN A 44 -20.25 -24.40 -1.83
N SER A 45 -21.17 -24.09 -0.91
CA SER A 45 -21.25 -24.77 0.39
C SER A 45 -21.74 -26.24 0.32
N ALA A 46 -22.69 -26.54 -0.56
CA ALA A 46 -23.21 -27.90 -0.76
C ALA A 46 -22.14 -29.00 -0.70
N MET A 47 -21.02 -28.77 -1.37
CA MET A 47 -19.90 -29.71 -1.37
C MET A 47 -19.23 -29.78 0.00
N GLY A 48 -19.06 -28.63 0.64
CA GLY A 48 -18.60 -28.59 2.02
C GLY A 48 -19.50 -29.34 2.98
N ILE A 49 -20.81 -29.13 2.84
CA ILE A 49 -21.78 -29.78 3.72
C ILE A 49 -21.84 -31.29 3.45
N SER A 50 -21.61 -31.66 2.19
CA SER A 50 -21.64 -33.07 1.77
C SER A 50 -20.79 -33.96 2.66
N GLN A 51 -19.49 -33.67 2.72
CA GLN A 51 -18.56 -34.49 3.50
C GLN A 51 -18.80 -34.43 5.02
N MET A 52 -19.05 -33.24 5.57
CA MET A 52 -19.39 -33.13 6.99
C MET A 52 -20.87 -33.47 7.18
N ASN A 61 -25.09 -36.61 -3.38
CA ASN A 61 -25.54 -35.68 -2.37
C ASN A 61 -25.47 -34.21 -2.82
N PRO A 62 -24.29 -33.73 -3.25
CA PRO A 62 -24.11 -32.29 -3.54
C PRO A 62 -25.29 -31.54 -4.19
N ARG A 63 -25.89 -32.14 -5.21
CA ARG A 63 -27.05 -31.54 -5.89
C ARG A 63 -28.33 -31.48 -5.05
N GLU A 64 -28.61 -32.53 -4.29
CA GLU A 64 -29.80 -32.59 -3.42
C GLU A 64 -29.75 -31.50 -2.35
N ILE A 65 -28.58 -31.38 -1.73
CA ILE A 65 -28.34 -30.40 -0.67
C ILE A 65 -28.40 -28.95 -1.19
N ALA A 66 -27.72 -28.65 -2.29
CA ALA A 66 -27.80 -27.33 -2.96
C ALA A 66 -29.24 -26.87 -3.16
N GLU A 67 -30.03 -27.75 -3.75
CA GLU A 67 -31.44 -27.47 -4.00
C GLU A 67 -32.22 -27.30 -2.71
N ASN A 68 -31.86 -28.07 -1.68
CA ASN A 68 -32.46 -27.91 -0.37
C ASN A 68 -32.12 -26.55 0.30
N ILE A 69 -30.86 -26.16 0.24
CA ILE A 69 -30.43 -24.82 0.68
C ILE A 69 -31.21 -23.73 -0.09
N THR A 70 -31.18 -23.83 -1.41
CA THR A 70 -31.91 -22.95 -2.33
C THR A 70 -33.37 -22.79 -1.90
N LYS A 71 -34.03 -23.90 -1.60
CA LYS A 71 -35.45 -23.87 -1.28
C LYS A 71 -35.75 -23.41 0.15
N HIS A 72 -34.71 -23.34 0.99
CA HIS A 72 -34.81 -22.68 2.30
C HIS A 72 -34.18 -21.26 2.34
N LEU A 73 -34.05 -20.61 1.18
CA LEU A 73 -33.50 -19.24 1.16
C LEU A 73 -34.45 -18.30 1.88
N PRO A 74 -33.95 -17.56 2.87
CA PRO A 74 -34.85 -16.62 3.54
C PRO A 74 -35.20 -15.43 2.63
N ASP A 75 -36.31 -14.78 2.96
CA ASP A 75 -36.62 -13.49 2.39
C ASP A 75 -35.42 -12.59 2.55
N ASN A 76 -35.14 -11.79 1.52
CA ASN A 76 -33.94 -10.93 1.43
C ASN A 76 -34.11 -9.82 0.38
N GLU A 77 -33.17 -8.89 0.34
CA GLU A 77 -33.30 -7.76 -0.59
C GLU A 77 -32.42 -7.86 -1.82
N CYS A 78 -31.41 -8.75 -1.81
CA CYS A 78 -30.36 -8.71 -2.82
C CYS A 78 -30.47 -9.74 -3.95
N ILE A 79 -31.09 -10.91 -3.70
CA ILE A 79 -31.10 -12.02 -4.68
C ILE A 79 -32.33 -12.03 -5.63
N GLU A 80 -32.07 -11.90 -6.93
CA GLU A 80 -33.12 -11.93 -7.94
C GLU A 80 -33.54 -13.35 -8.24
N LYS A 81 -32.56 -14.25 -8.30
CA LYS A 81 -32.70 -15.55 -8.94
C LYS A 81 -31.49 -16.40 -8.58
N VAL A 82 -31.71 -17.72 -8.56
CA VAL A 82 -30.69 -18.69 -8.22
C VAL A 82 -30.81 -19.84 -9.22
N GLU A 83 -29.68 -20.48 -9.53
CA GLU A 83 -29.62 -21.70 -10.36
C GLU A 83 -28.55 -22.64 -9.83
N ILE A 84 -28.76 -23.94 -10.04
CA ILE A 84 -27.84 -24.97 -9.53
C ILE A 84 -26.74 -25.38 -10.56
N ALA A 85 -26.77 -24.80 -11.77
CA ALA A 85 -25.71 -24.92 -12.81
C ALA A 85 -25.95 -26.09 -13.77
N PHE A 89 -22.84 -26.42 -7.33
CA PHE A 89 -22.67 -24.98 -7.22
C PHE A 89 -24.02 -24.28 -7.27
N ILE A 90 -24.07 -23.07 -6.70
CA ILE A 90 -25.28 -22.23 -6.70
C ILE A 90 -24.94 -20.83 -7.25
N ASN A 91 -25.35 -20.55 -8.50
CA ASN A 91 -25.13 -19.24 -9.12
C ASN A 91 -26.17 -18.27 -8.56
N VAL A 92 -25.73 -17.05 -8.24
CA VAL A 92 -26.58 -16.01 -7.65
C VAL A 92 -26.59 -14.80 -8.59
N HIS A 93 -27.80 -14.35 -8.94
CA HIS A 93 -28.02 -13.13 -9.70
C HIS A 93 -28.63 -12.07 -8.79
N LEU A 94 -28.02 -10.89 -8.76
CA LEU A 94 -28.50 -9.79 -7.90
C LEU A 94 -29.74 -9.11 -8.45
N ARG A 95 -30.52 -8.49 -7.56
CA ARG A 95 -31.67 -7.68 -7.97
C ARG A 95 -31.23 -6.29 -8.31
N LYS A 96 -31.91 -5.73 -9.31
CA LYS A 96 -31.63 -4.39 -9.84
C LYS A 96 -32.03 -3.28 -8.87
N ASP A 97 -33.16 -3.45 -8.17
CA ASP A 97 -33.60 -2.49 -7.18
C ASP A 97 -32.64 -2.47 -6.00
N PHE A 98 -32.11 -3.63 -5.62
CA PHE A 98 -31.03 -3.70 -4.62
C PHE A 98 -29.83 -2.86 -4.99
N VAL A 99 -29.29 -3.10 -6.18
CA VAL A 99 -28.10 -2.35 -6.64
C VAL A 99 -28.38 -0.87 -6.74
N SER A 100 -29.56 -0.51 -7.24
CA SER A 100 -30.00 0.86 -7.38
C SER A 100 -30.00 1.63 -6.05
N GLU A 101 -30.59 1.02 -5.03
CA GLU A 101 -30.68 1.60 -3.70
C GLU A 101 -29.30 1.66 -3.07
N GLN A 102 -28.46 0.68 -3.35
CA GLN A 102 -27.10 0.72 -2.83
C GLN A 102 -26.32 1.87 -3.48
N LEU A 103 -26.57 2.15 -4.75
CA LEU A 103 -25.91 3.31 -5.38
C LEU A 103 -26.34 4.64 -4.75
N THR A 104 -27.64 4.77 -4.48
CA THR A 104 -28.18 5.91 -3.77
C THR A 104 -27.50 6.06 -2.41
N SER A 105 -27.50 4.98 -1.65
CA SER A 105 -26.86 4.99 -0.34
C SER A 105 -25.42 5.50 -0.33
N LEU A 106 -24.58 5.08 -1.28
CA LEU A 106 -23.19 5.59 -1.26
C LEU A 106 -23.09 7.07 -1.65
N LEU A 107 -24.05 7.57 -2.41
CA LEU A 107 -24.05 8.99 -2.77
C LEU A 107 -24.52 9.81 -1.58
N VAL A 108 -25.48 9.29 -0.83
CA VAL A 108 -26.00 9.94 0.35
C VAL A 108 -25.05 9.80 1.53
N ASN A 109 -24.54 8.59 1.78
CA ASN A 109 -23.75 8.33 3.00
C ASN A 109 -22.23 8.35 2.83
N GLY A 110 -21.75 8.33 1.58
CA GLY A 110 -20.31 8.35 1.30
C GLY A 110 -19.71 6.96 1.18
N VAL A 111 -18.52 6.89 0.59
CA VAL A 111 -17.84 5.63 0.36
C VAL A 111 -17.09 5.21 1.63
N GLN A 112 -17.53 4.10 2.21
CA GLN A 112 -16.98 3.56 3.44
C GLN A 112 -17.07 2.02 3.43
N LEU A 113 -16.13 1.38 4.09
CA LEU A 113 -16.22 -0.05 4.35
C LEU A 113 -17.08 -0.28 5.57
N PRO A 114 -17.67 -1.49 5.69
CA PRO A 114 -18.40 -1.85 6.90
C PRO A 114 -17.47 -1.99 8.10
N ALA A 115 -17.81 -1.33 9.21
CA ALA A 115 -16.93 -1.28 10.36
C ALA A 115 -16.91 -2.60 11.13
N LEU A 116 -15.72 -2.97 11.58
CA LEU A 116 -15.51 -4.09 12.49
C LEU A 116 -15.83 -3.67 13.92
N GLY A 117 -15.97 -4.66 14.81
CA GLY A 117 -16.20 -4.39 16.24
C GLY A 117 -15.00 -3.98 17.09
N GLU A 118 -13.80 -3.99 16.51
CA GLU A 118 -12.56 -3.70 17.23
C GLU A 118 -11.66 -2.84 16.35
N ASN A 119 -10.71 -2.16 16.98
CA ASN A 119 -9.66 -1.43 16.27
C ASN A 119 -8.33 -2.12 16.58
N LYS A 120 -8.10 -3.23 15.89
CA LYS A 120 -6.85 -3.99 16.03
C LYS A 120 -5.66 -3.11 15.69
N LYS A 121 -4.54 -3.34 16.39
CA LYS A 121 -3.31 -2.60 16.16
C LYS A 121 -2.49 -3.24 15.04
N VAL A 122 -2.20 -2.48 14.00
CA VAL A 122 -1.41 -2.96 12.87
C VAL A 122 -0.17 -2.08 12.73
N ILE A 123 1.01 -2.69 12.77
CA ILE A 123 2.26 -1.98 12.52
C ILE A 123 2.69 -2.24 11.07
N VAL A 124 2.95 -1.17 10.32
CA VAL A 124 3.53 -1.28 8.97
C VAL A 124 4.94 -0.72 8.96
N ASP A 125 5.89 -1.56 8.57
CA ASP A 125 7.33 -1.26 8.60
C ASP A 125 7.77 -1.15 7.16
N PHE A 126 8.15 0.06 6.78
CA PHE A 126 8.45 0.36 5.38
C PHE A 126 9.30 1.57 5.20
N SER A 127 9.80 1.70 3.97
CA SER A 127 10.80 2.67 3.54
C SER A 127 12.30 2.51 3.94
N SER A 128 12.63 2.43 5.24
CA SER A 128 13.95 2.00 5.77
C SER A 128 15.20 2.49 5.04
N PRO A 129 15.41 3.81 4.93
CA PRO A 129 16.70 4.22 4.40
C PRO A 129 17.78 4.09 5.48
N ASN A 130 18.99 3.74 5.07
CA ASN A 130 20.17 3.78 5.95
C ASN A 130 20.72 5.23 5.92
N ILE A 131 21.01 5.80 7.10
CA ILE A 131 21.34 7.25 7.19
C ILE A 131 22.65 7.61 6.46
N ALA A 132 22.58 8.74 5.75
CA ALA A 132 23.65 9.28 4.90
C ALA A 132 24.10 8.43 3.71
N LYS A 133 23.58 7.21 3.55
CA LYS A 133 23.81 6.37 2.38
C LYS A 133 22.74 6.61 1.31
N GLU A 134 22.99 6.07 0.11
CA GLU A 134 22.12 6.31 -1.05
C GLU A 134 20.76 5.66 -0.89
N MET A 135 19.74 6.37 -1.32
CA MET A 135 18.37 5.90 -1.30
C MET A 135 18.01 5.59 -2.74
N HIS A 136 17.77 4.30 -3.02
CA HIS A 136 17.59 3.73 -4.35
C HIS A 136 16.13 3.28 -4.66
N VAL A 137 15.90 2.70 -5.84
CA VAL A 137 14.55 2.28 -6.29
C VAL A 137 13.89 1.18 -5.44
N GLY A 138 14.69 0.32 -4.84
CA GLY A 138 14.23 -0.59 -3.79
C GLY A 138 13.53 0.14 -2.65
N HIS A 139 14.13 1.23 -2.16
CA HIS A 139 13.52 2.08 -1.13
C HIS A 139 12.24 2.77 -1.62
N LEU A 140 12.29 3.24 -2.86
CA LEU A 140 11.12 3.83 -3.49
C LEU A 140 9.92 2.86 -3.52
N ARG A 141 10.16 1.62 -3.97
CA ARG A 141 9.14 0.57 -3.91
C ARG A 141 8.61 0.42 -2.51
N SER A 142 9.49 0.15 -1.55
CA SER A 142 9.04 -0.06 -0.15
C SER A 142 8.19 1.10 0.34
N THR A 143 8.56 2.34 -0.04
CA THR A 143 7.88 3.56 0.40
C THR A 143 6.44 3.66 -0.18
N ILE A 144 6.31 3.35 -1.46
CA ILE A 144 5.03 3.42 -2.18
C ILE A 144 4.11 2.27 -1.75
N ILE A 145 4.65 1.06 -1.69
CA ILE A 145 3.84 -0.08 -1.30
C ILE A 145 3.42 0.07 0.17
N GLY A 146 4.37 0.36 1.03
CA GLY A 146 4.09 0.60 2.43
C GLY A 146 3.05 1.66 2.73
N GLU A 147 3.17 2.83 2.10
CA GLU A 147 2.20 3.93 2.27
C GLU A 147 0.76 3.52 1.90
N SER A 148 0.63 2.89 0.75
CA SER A 148 -0.65 2.42 0.27
C SER A 148 -1.25 1.30 1.17
N ILE A 149 -0.41 0.40 1.69
CA ILE A 149 -0.90 -0.63 2.64
C ILE A 149 -1.41 0.07 3.92
N SER A 150 -0.64 1.02 4.40
CA SER A 150 -1.05 1.79 5.57
C SER A 150 -2.39 2.48 5.35
N ARG A 151 -2.57 3.14 4.22
CA ARG A 151 -3.85 3.80 3.91
C ARG A 151 -5.04 2.82 3.83
N LEU A 152 -4.80 1.61 3.30
CA LEU A 152 -5.84 0.59 3.20
C LEU A 152 -6.33 0.25 4.59
N PHE A 153 -5.40 -0.13 5.46
CA PHE A 153 -5.72 -0.49 6.83
C PHE A 153 -6.38 0.63 7.63
N GLU A 154 -5.99 1.88 7.40
CA GLU A 154 -6.63 3.04 8.05
C GLU A 154 -8.09 3.22 7.58
N PHE A 155 -8.29 3.15 6.27
CA PHE A 155 -9.62 3.22 5.70
C PHE A 155 -10.53 2.06 6.20
N ALA A 156 -9.95 0.94 6.65
CA ALA A 156 -10.75 -0.14 7.20
C ALA A 156 -10.96 -0.11 8.73
N GLY A 157 -10.58 0.97 9.40
CA GLY A 157 -10.80 1.13 10.83
C GLY A 157 -9.73 0.53 11.73
N TYR A 158 -8.56 0.18 11.21
CA TYR A 158 -7.49 -0.33 12.08
C TYR A 158 -6.68 0.79 12.71
N ASP A 159 -6.05 0.46 13.84
CA ASP A 159 -5.13 1.35 14.51
C ASP A 159 -3.73 1.09 13.91
N VAL A 160 -3.32 1.95 12.99
CA VAL A 160 -2.17 1.71 12.12
C VAL A 160 -0.97 2.53 12.58
N LEU A 161 0.12 1.84 12.91
CA LEU A 161 1.38 2.48 13.32
C LEU A 161 2.38 2.33 12.19
N ARG A 162 2.68 3.46 11.56
CA ARG A 162 3.62 3.56 10.45
C ARG A 162 5.03 3.81 11.01
N LEU A 163 5.91 2.82 10.90
CA LEU A 163 7.27 2.91 11.47
C LEU A 163 8.33 2.89 10.39
N ASN A 164 9.17 3.93 10.40
CA ASN A 164 10.38 3.94 9.59
C ASN A 164 11.56 3.43 10.43
N HIS A 165 12.05 2.23 10.10
CA HIS A 165 13.11 1.57 10.85
C HIS A 165 14.43 2.02 10.27
N VAL A 166 14.75 3.29 10.50
CA VAL A 166 15.84 3.95 9.79
C VAL A 166 17.22 3.46 10.30
N GLY A 167 18.20 3.41 9.40
CA GLY A 167 19.52 2.89 9.73
C GLY A 167 20.34 3.96 10.39
N ASP A 168 20.12 4.18 11.68
CA ASP A 168 20.68 5.32 12.43
C ASP A 168 21.73 4.94 13.49
N TRP A 169 22.24 3.71 13.42
CA TRP A 169 23.16 3.20 14.45
C TRP A 169 24.23 2.28 13.86
N GLY A 170 24.62 2.54 12.59
CA GLY A 170 25.58 1.69 11.87
C GLY A 170 26.99 2.22 11.98
N THR A 171 27.96 1.50 11.41
CA THR A 171 29.38 1.90 11.50
C THR A 171 29.74 3.14 10.67
N GLN A 172 28.88 3.57 9.73
CA GLN A 172 29.08 4.84 9.04
C GLN A 172 29.25 6.05 9.99
N PHE A 173 28.65 6.00 11.18
CA PHE A 173 28.69 7.18 12.09
C PHE A 173 30.07 7.53 12.69
N GLY A 174 30.96 6.55 12.81
CA GLY A 174 32.32 6.82 13.26
C GLY A 174 33.01 7.81 12.33
N MET A 175 33.10 7.41 11.06
CA MET A 175 33.58 8.26 9.96
C MET A 175 32.91 9.61 9.93
N LEU A 176 31.58 9.61 9.98
CA LEU A 176 30.79 10.85 9.84
C LEU A 176 31.09 11.81 10.98
N ILE A 177 31.12 11.28 12.20
CA ILE A 177 31.37 12.10 13.38
C ILE A 177 32.82 12.60 13.39
N ALA A 178 33.77 11.74 13.02
CA ALA A 178 35.17 12.16 12.98
C ALA A 178 35.34 13.32 11.98
N HIS A 179 34.63 13.23 10.85
CA HIS A 179 34.66 14.28 9.82
C HIS A 179 34.08 15.60 10.32
N LEU A 180 32.96 15.51 11.03
CA LEU A 180 32.30 16.70 11.60
C LEU A 180 33.20 17.43 12.61
N GLN A 181 33.92 16.68 13.44
CA GLN A 181 34.88 17.28 14.39
C GLN A 181 35.92 18.17 13.66
N ASP A 182 36.52 17.65 12.60
CA ASP A 182 37.43 18.45 11.77
C ASP A 182 36.73 19.58 11.02
N LYS A 183 35.69 19.27 10.28
CA LYS A 183 35.02 20.27 9.43
C LYS A 183 34.31 21.39 10.21
N PHE A 184 33.75 21.06 11.38
CA PHE A 184 32.94 22.01 12.18
C PHE A 184 33.19 21.84 13.67
N PRO A 185 34.39 22.21 14.16
CA PRO A 185 34.76 21.94 15.57
C PRO A 185 33.87 22.60 16.61
N ASP A 186 33.16 23.67 16.27
CA ASP A 186 32.21 24.30 17.21
C ASP A 186 30.77 23.79 17.07
N TYR A 187 30.59 22.57 16.55
CA TYR A 187 29.25 21.95 16.55
C TYR A 187 28.69 21.82 17.99
N LEU A 188 29.59 21.64 18.96
CA LEU A 188 29.22 21.59 20.39
C LEU A 188 28.44 22.83 20.86
N THR A 189 28.77 24.01 20.31
CA THR A 189 28.15 25.27 20.72
C THR A 189 27.11 25.78 19.72
N VAL A 190 27.45 25.79 18.43
CA VAL A 190 26.53 26.31 17.40
C VAL A 190 26.31 25.29 16.30
N SER A 191 25.05 25.19 15.87
CA SER A 191 24.64 24.23 14.84
C SER A 191 25.27 24.61 13.47
N PRO A 192 26.20 23.78 12.95
CA PRO A 192 26.95 24.18 11.77
C PRO A 192 26.20 23.90 10.47
N PRO A 193 26.57 24.59 9.37
CA PRO A 193 25.90 24.37 8.10
C PRO A 193 26.52 23.13 7.42
N ILE A 194 26.04 21.95 7.80
CA ILE A 194 26.52 20.70 7.24
C ILE A 194 26.27 20.64 5.73
N GLY A 195 25.10 21.05 5.28
CA GLY A 195 24.75 21.01 3.85
C GLY A 195 24.45 19.59 3.37
N ASP A 196 24.64 19.33 2.08
CA ASP A 196 24.25 18.04 1.49
C ASP A 196 24.89 16.88 2.21
N LEU A 197 24.06 15.99 2.72
CA LEU A 197 24.51 14.90 3.59
C LEU A 197 25.25 13.82 2.85
N GLN A 198 24.90 13.64 1.58
CA GLN A 198 25.49 12.60 0.73
C GLN A 198 26.95 12.92 0.38
N VAL A 199 27.18 14.22 0.13
CA VAL A 199 28.50 14.79 -0.18
C VAL A 199 29.42 14.65 1.05
N PHE A 200 28.90 15.03 2.21
CA PHE A 200 29.61 14.95 3.47
C PHE A 200 30.06 13.51 3.73
N TYR A 201 29.18 12.53 3.46
CA TYR A 201 29.54 11.11 3.60
C TYR A 201 30.70 10.66 2.72
N LYS A 202 30.65 11.00 1.44
CA LYS A 202 31.71 10.58 0.51
C LYS A 202 33.06 11.24 0.86
N GLU A 203 33.00 12.46 1.40
CA GLU A 203 34.18 13.12 1.95
C GLU A 203 34.77 12.33 3.12
N SER A 204 33.92 11.99 4.09
CA SER A 204 34.32 11.16 5.23
C SER A 204 34.86 9.79 4.78
N LYS A 205 34.19 9.17 3.81
CA LYS A 205 34.60 7.85 3.28
C LYS A 205 35.99 7.88 2.62
N LYS A 206 36.25 8.95 1.86
CA LYS A 206 37.52 9.13 1.16
C LYS A 206 38.63 9.20 2.19
N ARG A 207 38.47 10.12 3.14
CA ARG A 207 39.38 10.32 4.23
C ARG A 207 39.70 9.03 4.97
N PHE A 208 38.67 8.30 5.35
CA PHE A 208 38.83 6.97 5.96
C PHE A 208 39.73 6.06 5.11
N ASP A 209 39.45 5.98 3.81
CA ASP A 209 40.22 5.13 2.91
C ASP A 209 41.65 5.60 2.69
N THR A 210 41.91 6.90 2.83
CA THR A 210 43.23 7.46 2.53
C THR A 210 44.08 7.94 3.73
N GLU A 211 43.54 7.93 4.96
CA GLU A 211 44.27 8.43 6.14
C GLU A 211 44.39 7.39 7.25
N GLU A 212 45.39 7.60 8.12
CA GLU A 212 45.73 6.68 9.20
C GLU A 212 45.00 7.00 10.52
N GLU A 213 45.21 8.21 11.01
CA GLU A 213 44.63 8.63 12.27
C GLU A 213 43.10 8.78 12.23
N PHE A 214 42.59 9.34 11.14
CA PHE A 214 41.13 9.47 10.95
C PHE A 214 40.41 8.16 11.17
N LYS A 215 41.02 7.10 10.64
CA LYS A 215 40.52 5.74 10.74
C LYS A 215 40.46 5.25 12.17
N LYS A 216 41.51 5.51 12.94
CA LYS A 216 41.50 5.17 14.37
C LYS A 216 40.43 5.96 15.11
N ARG A 217 40.35 7.26 14.80
CA ARG A 217 39.38 8.19 15.41
C ARG A 217 37.92 7.85 15.07
N ALA A 218 37.67 7.34 13.87
CA ALA A 218 36.33 6.88 13.49
C ALA A 218 35.92 5.70 14.36
N TYR A 219 36.87 4.83 14.69
CA TYR A 219 36.61 3.69 15.59
C TYR A 219 36.48 4.14 17.05
N GLN A 220 37.22 5.16 17.44
CA GLN A 220 37.02 5.76 18.77
C GLN A 220 35.61 6.39 18.89
N CYS A 221 35.15 6.98 17.79
CA CYS A 221 33.84 7.66 17.76
C CYS A 221 32.66 6.69 17.89
N VAL A 222 32.76 5.53 17.25
CA VAL A 222 31.73 4.49 17.41
C VAL A 222 31.68 3.99 18.84
N VAL A 223 32.84 3.72 19.45
CA VAL A 223 32.92 3.31 20.86
C VAL A 223 32.25 4.35 21.76
N LEU A 224 32.58 5.63 21.57
CA LEU A 224 32.04 6.70 22.41
C LEU A 224 30.54 6.97 22.16
N LEU A 225 30.08 6.77 20.92
CA LEU A 225 28.66 6.89 20.61
C LEU A 225 27.85 5.76 21.31
N GLN A 226 28.35 4.52 21.28
CA GLN A 226 27.69 3.38 21.94
C GLN A 226 27.56 3.65 23.43
N GLY A 227 28.64 4.12 24.06
CA GLY A 227 28.66 4.49 25.47
C GLY A 227 28.06 5.83 25.85
N LYS A 228 27.42 6.52 24.91
CA LYS A 228 26.62 7.73 25.19
C LYS A 228 27.43 8.95 25.63
N ASN A 229 28.69 9.04 25.20
CA ASN A 229 29.46 10.27 25.43
C ASN A 229 28.66 11.44 24.89
N PRO A 230 28.30 12.40 25.76
CA PRO A 230 27.71 13.61 25.21
C PRO A 230 28.84 14.33 24.51
N ASP A 231 28.53 14.94 23.37
CA ASP A 231 29.51 15.52 22.47
C ASP A 231 30.02 14.45 21.51
N ILE A 232 29.48 13.24 21.66
CA ILE A 232 29.51 12.20 20.65
C ILE A 232 28.09 11.98 20.15
N THR A 233 27.15 11.86 21.10
CA THR A 233 25.73 11.76 20.79
C THR A 233 25.25 13.03 20.13
N LYS A 234 25.72 14.16 20.66
CA LYS A 234 25.40 15.47 20.08
C LYS A 234 25.71 15.48 18.56
N ALA A 235 26.92 15.08 18.19
CA ALA A 235 27.32 15.00 16.77
C ALA A 235 26.37 14.15 15.95
N TRP A 236 26.04 12.97 16.49
CA TRP A 236 25.08 12.06 15.89
C TRP A 236 23.67 12.64 15.70
N LYS A 237 23.15 13.33 16.70
CA LYS A 237 21.87 14.02 16.61
C LYS A 237 21.85 15.03 15.47
N LEU A 238 22.91 15.83 15.36
CA LEU A 238 22.99 16.85 14.31
C LEU A 238 23.02 16.24 12.91
N ILE A 239 23.76 15.15 12.74
CA ILE A 239 23.79 14.43 11.47
C ILE A 239 22.40 13.85 11.18
N CYS A 240 21.82 13.13 12.15
CA CYS A 240 20.45 12.62 12.00
C CYS A 240 19.40 13.69 11.70
N ASP A 241 19.55 14.89 12.24
CA ASP A 241 18.64 16.03 11.96
C ASP A 241 18.73 16.48 10.53
N VAL A 242 19.94 16.52 9.99
CA VAL A 242 20.15 16.81 8.57
C VAL A 242 19.49 15.71 7.69
N SER A 243 19.65 14.45 8.10
CA SER A 243 19.02 13.35 7.41
C SER A 243 17.49 13.52 7.37
N ARG A 244 16.91 13.90 8.50
CA ARG A 244 15.47 14.10 8.62
C ARG A 244 14.94 15.15 7.67
N GLN A 245 15.69 16.26 7.52
CA GLN A 245 15.23 17.36 6.67
C GLN A 245 15.14 16.85 5.24
N GLU A 246 16.22 16.20 4.80
CA GLU A 246 16.32 15.66 3.45
C GLU A 246 15.25 14.61 3.16
N LEU A 247 15.07 13.64 4.07
CA LEU A 247 14.07 12.59 3.87
C LEU A 247 12.65 13.16 3.86
N ASN A 248 12.39 14.16 4.71
CA ASN A 248 11.12 14.87 4.72
C ASN A 248 10.76 15.58 3.41
N LYS A 249 11.75 16.02 2.64
CA LYS A 249 11.47 16.55 1.28
C LYS A 249 10.92 15.43 0.42
N ILE A 250 11.58 14.27 0.48
CA ILE A 250 11.15 13.09 -0.27
C ILE A 250 9.74 12.64 0.16
N TYR A 251 9.51 12.50 1.47
CA TYR A 251 8.23 12.00 1.96
C TYR A 251 7.08 13.00 1.74
N ASP A 252 7.34 14.31 1.85
CA ASP A 252 6.33 15.34 1.54
C ASP A 252 5.89 15.25 0.08
N ALA A 253 6.85 15.14 -0.83
CA ALA A 253 6.59 15.07 -2.25
C ALA A 253 5.76 13.82 -2.59
N LEU A 254 6.11 12.68 -1.99
CA LEU A 254 5.35 11.44 -2.21
C LEU A 254 4.11 11.27 -1.32
N ASP A 255 3.83 12.27 -0.46
CA ASP A 255 2.71 12.26 0.47
C ASP A 255 2.75 11.02 1.40
N VAL A 256 3.91 10.82 2.03
CA VAL A 256 4.15 9.66 2.89
C VAL A 256 4.23 10.10 4.34
N SER A 257 3.59 9.35 5.26
CA SER A 257 3.64 9.58 6.73
C SER A 257 4.33 8.44 7.44
N LEU A 258 5.35 8.77 8.23
CA LEU A 258 6.09 7.77 8.96
C LEU A 258 6.49 8.32 10.31
N ILE A 259 6.40 7.46 11.33
CA ILE A 259 7.04 7.71 12.61
C ILE A 259 8.44 7.09 12.59
N GLU A 260 9.45 7.94 12.80
CA GLU A 260 10.83 7.51 12.87
C GLU A 260 11.07 6.65 14.13
N ARG A 261 11.45 5.40 13.91
CA ARG A 261 11.93 4.54 14.97
C ARG A 261 13.14 3.75 14.49
N GLY A 262 14.30 4.39 14.59
CA GLY A 262 15.55 3.80 14.11
C GLY A 262 16.09 2.65 14.94
N GLU A 263 17.08 1.97 14.37
CA GLU A 263 17.95 1.01 15.06
C GLU A 263 18.31 1.44 16.48
N SER A 264 18.70 2.69 16.65
CA SER A 264 19.07 3.23 17.98
C SER A 264 18.01 2.98 19.06
N PHE A 265 16.72 3.01 18.68
CA PHE A 265 15.60 2.82 19.63
C PHE A 265 15.69 1.51 20.41
N TYR A 266 16.26 0.45 19.81
CA TYR A 266 16.30 -0.91 20.38
C TYR A 266 17.65 -1.29 20.97
N GLN A 267 18.60 -0.35 20.96
CA GLN A 267 19.98 -0.63 21.35
C GLN A 267 20.10 -1.31 22.70
N ASP A 268 19.49 -0.70 23.72
CA ASP A 268 19.60 -1.22 25.09
C ASP A 268 18.80 -2.54 25.29
N ARG A 269 17.86 -2.84 24.40
CA ARG A 269 17.10 -4.11 24.47
C ARG A 269 17.86 -5.34 23.91
N MET A 270 18.95 -5.11 23.18
CA MET A 270 19.66 -6.20 22.49
C MET A 270 20.39 -7.16 23.44
N ASN A 271 20.87 -6.65 24.58
CA ASN A 271 21.52 -7.52 25.56
C ASN A 271 20.55 -8.56 26.13
N ASP A 272 19.34 -8.11 26.49
CA ASP A 272 18.27 -9.01 26.90
C ASP A 272 17.89 -10.10 25.87
N ILE A 273 17.96 -9.77 24.58
CA ILE A 273 17.66 -10.74 23.51
C ILE A 273 18.65 -11.90 23.59
N VAL A 274 19.93 -11.57 23.62
CA VAL A 274 20.99 -12.57 23.68
C VAL A 274 20.87 -13.43 24.94
N LYS A 275 20.61 -12.77 26.07
CA LYS A 275 20.42 -13.45 27.35
C LYS A 275 19.32 -14.49 27.32
N GLU A 276 18.17 -14.10 26.76
CA GLU A 276 17.00 -14.96 26.71
C GLU A 276 17.26 -16.18 25.79
N PHE A 277 17.82 -15.92 24.60
CA PHE A 277 18.12 -17.03 23.70
C PHE A 277 19.12 -18.01 24.34
N GLU A 278 20.16 -17.50 25.02
CA GLU A 278 21.10 -18.34 25.80
C GLU A 278 20.43 -19.16 26.93
N ASP A 279 19.66 -18.48 27.76
CA ASP A 279 19.02 -19.11 28.91
C ASP A 279 18.06 -20.21 28.51
N ARG A 280 17.41 -20.03 27.36
CA ARG A 280 16.50 -21.05 26.78
C ARG A 280 17.22 -22.20 26.05
N GLY A 281 18.55 -22.15 25.96
CA GLY A 281 19.35 -23.19 25.32
C GLY A 281 19.40 -23.14 23.79
N PHE A 282 19.17 -21.96 23.19
CA PHE A 282 19.11 -21.83 21.71
C PHE A 282 20.40 -21.30 21.05
N VAL A 283 21.45 -21.07 21.84
CA VAL A 283 22.68 -20.46 21.34
C VAL A 283 23.85 -21.46 21.28
N GLN A 284 24.45 -21.61 20.09
CA GLN A 284 25.69 -22.35 19.89
C GLN A 284 26.81 -21.36 19.57
N VAL A 285 28.04 -21.71 19.91
CA VAL A 285 29.21 -20.87 19.69
C VAL A 285 30.06 -21.46 18.57
N ASP A 286 30.46 -20.59 17.62
CA ASP A 286 31.28 -20.96 16.46
C ASP A 286 32.32 -19.88 16.22
N ASP A 287 33.61 -20.23 16.38
CA ASP A 287 34.72 -19.28 16.21
C ASP A 287 34.49 -17.97 16.98
N GLY A 288 34.02 -18.10 18.22
CA GLY A 288 33.69 -16.94 19.05
C GLY A 288 32.41 -16.19 18.70
N ARG A 289 31.68 -16.65 17.67
CA ARG A 289 30.38 -16.08 17.29
C ARG A 289 29.26 -16.87 17.95
N LYS A 290 28.24 -16.15 18.45
CA LYS A 290 27.03 -16.75 18.98
C LYS A 290 25.94 -16.83 17.90
N ILE A 291 25.49 -18.06 17.63
CA ILE A 291 24.55 -18.31 16.56
C ILE A 291 23.31 -19.02 17.09
N VAL A 292 22.22 -18.86 16.34
CA VAL A 292 20.95 -19.49 16.69
C VAL A 292 20.41 -20.22 15.46
N PHE A 293 20.28 -21.55 15.59
CA PHE A 293 19.56 -22.33 14.60
C PHE A 293 18.06 -22.25 14.85
N VAL A 294 17.29 -22.20 13.78
CA VAL A 294 15.86 -21.96 13.81
C VAL A 294 15.17 -23.10 13.06
N PRO A 295 13.96 -23.52 13.50
CA PRO A 295 13.29 -24.65 12.83
C PRO A 295 13.08 -24.44 11.33
N GLY A 296 13.23 -25.52 10.56
CA GLY A 296 13.07 -25.49 9.10
C GLY A 296 14.09 -24.69 8.32
N CYS A 297 15.11 -24.14 8.99
CA CYS A 297 16.06 -23.22 8.34
C CYS A 297 17.47 -23.79 8.40
N SER A 298 18.13 -23.89 7.24
CA SER A 298 19.53 -24.38 7.16
C SER A 298 20.56 -23.37 7.68
N ILE A 299 20.30 -22.08 7.47
CA ILE A 299 21.23 -21.00 7.86
C ILE A 299 20.87 -20.43 9.25
N PRO A 300 21.82 -20.44 10.18
CA PRO A 300 21.50 -19.87 11.48
C PRO A 300 21.50 -18.32 11.49
N LEU A 301 20.84 -17.75 12.50
CA LEU A 301 21.03 -16.35 12.81
C LEU A 301 22.36 -16.25 13.51
N THR A 302 22.99 -15.10 13.37
CA THR A 302 24.20 -14.78 14.10
C THR A 302 23.84 -13.56 14.93
N ILE A 303 23.88 -13.70 16.24
CA ILE A 303 23.42 -12.64 17.16
C ILE A 303 24.54 -11.87 17.87
N VAL A 304 25.72 -12.49 18.04
CA VAL A 304 26.92 -11.80 18.56
C VAL A 304 28.15 -12.25 17.75
N LYS A 305 28.93 -11.27 17.28
CA LYS A 305 30.13 -11.50 16.49
C LYS A 305 31.33 -11.85 17.40
N SER A 306 32.44 -12.22 16.78
CA SER A 306 33.70 -12.54 17.49
C SER A 306 34.12 -11.44 18.45
N ASP A 307 34.15 -10.20 17.96
CA ASP A 307 34.50 -9.02 18.77
C ASP A 307 33.46 -8.57 19.82
N GLY A 308 32.42 -9.37 20.07
CA GLY A 308 31.38 -9.02 21.02
C GLY A 308 30.33 -8.05 20.51
N GLY A 309 30.36 -7.73 19.21
CA GLY A 309 29.42 -6.79 18.60
C GLY A 309 28.11 -7.44 18.16
N TYR A 310 27.02 -6.69 18.27
CA TYR A 310 25.69 -7.12 17.79
C TYR A 310 25.54 -6.98 16.27
N THR A 311 24.53 -7.65 15.71
CA THR A 311 24.27 -7.65 14.26
C THR A 311 22.83 -7.23 13.97
N TYR A 312 22.49 -7.19 12.68
CA TYR A 312 21.13 -6.93 12.20
C TYR A 312 20.15 -8.02 12.63
N ASP A 313 20.66 -9.24 12.82
CA ASP A 313 19.84 -10.31 13.40
C ASP A 313 19.46 -9.96 14.85
N THR A 314 20.42 -9.47 15.63
CA THR A 314 20.13 -9.04 17.01
C THR A 314 19.13 -7.90 17.09
N SER A 315 19.29 -6.87 16.26
CA SER A 315 18.39 -5.71 16.33
C SER A 315 16.98 -6.01 15.79
N ASP A 316 16.89 -6.89 14.78
CA ASP A 316 15.60 -7.31 14.22
C ASP A 316 14.84 -8.18 15.20
N LEU A 317 15.55 -8.97 15.99
CA LEU A 317 14.90 -9.73 17.08
C LEU A 317 14.42 -8.75 18.17
N ALA A 318 15.22 -7.76 18.49
CA ALA A 318 14.85 -6.78 19.52
C ALA A 318 13.57 -6.04 19.14
N ALA A 319 13.45 -5.67 17.87
CA ALA A 319 12.37 -4.86 17.36
C ALA A 319 11.07 -5.63 17.29
N ILE A 320 11.11 -6.86 16.82
CA ILE A 320 9.89 -7.69 16.77
C ILE A 320 9.36 -8.03 18.15
N LYS A 321 10.25 -8.27 19.12
CA LYS A 321 9.84 -8.51 20.50
C LYS A 321 9.23 -7.25 21.11
N GLN A 322 9.86 -6.09 20.89
CA GLN A 322 9.29 -4.81 21.33
C GLN A 322 7.87 -4.65 20.76
N ARG A 323 7.70 -4.96 19.48
CA ARG A 323 6.45 -4.74 18.79
C ARG A 323 5.37 -5.73 19.21
N LEU A 324 5.76 -6.95 19.56
CA LEU A 324 4.83 -7.92 20.14
C LEU A 324 4.50 -7.58 21.63
N PHE A 325 5.53 -7.26 22.42
CA PHE A 325 5.38 -7.11 23.89
C PHE A 325 4.96 -5.72 24.35
N GLU A 326 5.54 -4.68 23.76
CA GLU A 326 5.30 -3.30 24.19
C GLU A 326 4.15 -2.69 23.38
N GLU A 327 4.18 -2.86 22.06
CA GLU A 327 3.10 -2.32 21.23
C GLU A 327 1.85 -3.20 21.28
N LYS A 328 1.99 -4.50 21.55
CA LYS A 328 0.86 -5.44 21.59
C LYS A 328 0.10 -5.45 20.27
N ALA A 329 0.86 -5.44 19.19
CA ALA A 329 0.31 -5.46 17.84
C ALA A 329 -0.46 -6.76 17.60
N ASP A 330 -1.62 -6.61 16.96
CA ASP A 330 -2.38 -7.74 16.44
C ASP A 330 -1.77 -8.19 15.12
N MET A 331 -1.18 -7.25 14.38
CA MET A 331 -0.54 -7.55 13.10
C MET A 331 0.72 -6.72 12.92
N ILE A 332 1.73 -7.34 12.32
CA ILE A 332 2.99 -6.66 11.98
C ILE A 332 3.33 -6.98 10.53
N ILE A 333 3.53 -5.93 9.74
CA ILE A 333 3.76 -6.07 8.31
C ILE A 333 5.15 -5.51 7.98
N TYR A 334 6.00 -6.34 7.37
CA TYR A 334 7.32 -5.94 6.92
C TYR A 334 7.36 -5.80 5.39
N VAL A 335 7.49 -4.58 4.92
CA VAL A 335 7.55 -4.30 3.50
C VAL A 335 9.01 -4.17 3.13
N VAL A 336 9.55 -5.24 2.53
CA VAL A 336 11.02 -5.35 2.25
C VAL A 336 11.19 -6.19 0.98
N ASP A 337 12.31 -6.07 0.29
CA ASP A 337 12.48 -6.76 -0.97
C ASP A 337 12.57 -8.28 -0.84
N ASN A 338 12.31 -8.97 -1.96
CA ASN A 338 12.38 -10.43 -2.02
C ASN A 338 13.71 -10.99 -1.53
N GLY A 339 14.80 -10.23 -1.71
CA GLY A 339 16.11 -10.61 -1.18
C GLY A 339 16.21 -10.84 0.33
N GLN A 340 15.34 -10.20 1.11
CA GLN A 340 15.34 -10.31 2.57
C GLN A 340 14.33 -11.36 3.07
N SER A 341 13.75 -12.14 2.15
CA SER A 341 12.68 -13.11 2.48
C SER A 341 13.09 -14.18 3.48
N VAL A 342 14.20 -14.84 3.18
CA VAL A 342 14.70 -15.93 4.02
C VAL A 342 15.08 -15.36 5.39
N HIS A 343 15.73 -14.20 5.40
CA HIS A 343 16.08 -13.50 6.63
C HIS A 343 14.86 -13.27 7.53
N PHE A 344 13.77 -12.75 6.97
CA PHE A 344 12.60 -12.43 7.79
C PHE A 344 11.80 -13.65 8.20
N GLN A 345 11.73 -14.68 7.35
CA GLN A 345 11.14 -15.95 7.74
C GLN A 345 11.91 -16.56 8.87
N THR A 346 13.24 -16.50 8.78
CA THR A 346 14.10 -16.92 9.87
C THR A 346 13.84 -16.10 11.16
N ILE A 347 13.82 -14.77 11.08
CA ILE A 347 13.48 -13.91 12.23
C ILE A 347 12.11 -14.30 12.81
N PHE A 348 11.12 -14.55 11.95
CA PHE A 348 9.77 -14.89 12.42
C PHE A 348 9.76 -16.25 13.11
N ALA A 349 10.46 -17.22 12.52
CA ALA A 349 10.51 -18.56 13.09
C ALA A 349 11.28 -18.61 14.44
N ALA A 350 12.26 -17.73 14.61
CA ALA A 350 12.96 -17.62 15.88
C ALA A 350 12.02 -17.06 16.96
N ALA A 351 11.24 -16.05 16.60
CA ALA A 351 10.24 -15.47 17.49
C ALA A 351 9.20 -16.50 17.96
N GLN A 352 8.77 -17.35 17.03
CA GLN A 352 7.87 -18.48 17.35
C GLN A 352 8.50 -19.50 18.28
N MET A 353 9.66 -20.01 17.86
CA MET A 353 10.45 -21.00 18.61
C MET A 353 10.58 -20.65 20.10
N ILE A 354 10.87 -19.38 20.38
CA ILE A 354 11.05 -18.92 21.76
C ILE A 354 9.73 -18.46 22.44
N GLY A 355 8.63 -18.46 21.68
CA GLY A 355 7.29 -18.30 22.25
C GLY A 355 6.80 -16.89 22.44
N TRP A 356 7.38 -15.94 21.71
CA TRP A 356 6.91 -14.53 21.76
C TRP A 356 5.58 -14.29 21.06
N TYR A 357 5.22 -15.13 20.10
CA TYR A 357 3.88 -15.05 19.52
C TYR A 357 3.46 -16.38 18.96
N ASP A 358 2.15 -16.49 18.75
CA ASP A 358 1.51 -17.63 18.14
C ASP A 358 0.88 -17.19 16.80
N PRO A 359 1.28 -17.80 15.65
CA PRO A 359 0.78 -17.36 14.34
C PRO A 359 -0.73 -17.53 14.08
N LYS A 360 -1.40 -18.30 14.93
CA LYS A 360 -2.84 -18.42 14.89
C LYS A 360 -3.50 -17.21 15.56
N VAL A 361 -2.81 -16.55 16.48
CA VAL A 361 -3.35 -15.39 17.20
C VAL A 361 -2.88 -14.05 16.60
N THR A 362 -1.58 -13.93 16.30
CA THR A 362 -0.96 -12.68 15.86
C THR A 362 -0.40 -12.87 14.45
N ARG A 363 -0.77 -11.95 13.57
CA ARG A 363 -0.32 -11.98 12.18
C ARG A 363 1.01 -11.25 12.04
N VAL A 364 2.03 -12.00 11.61
CA VAL A 364 3.34 -11.44 11.29
C VAL A 364 3.62 -11.80 9.84
N PHE A 365 3.84 -10.77 9.03
CA PHE A 365 3.83 -10.92 7.58
C PHE A 365 4.95 -10.15 6.93
N HIS A 366 5.60 -10.80 5.96
CA HIS A 366 6.59 -10.16 5.12
C HIS A 366 5.90 -9.92 3.77
N ALA A 367 5.80 -8.66 3.37
CA ALA A 367 5.22 -8.31 2.09
C ALA A 367 6.33 -8.06 1.08
N GLY A 368 6.69 -9.09 0.31
CA GLY A 368 7.81 -9.01 -0.61
C GLY A 368 7.54 -8.16 -1.83
N PHE A 369 8.60 -7.58 -2.37
CA PHE A 369 8.59 -6.98 -3.71
C PHE A 369 9.85 -7.35 -4.52
N GLY A 370 9.65 -7.52 -5.83
CA GLY A 370 10.73 -7.95 -6.72
C GLY A 370 11.72 -6.83 -7.00
N VAL A 371 12.86 -7.24 -7.57
CA VAL A 371 13.91 -6.36 -8.08
C VAL A 371 13.38 -5.45 -9.19
N VAL A 372 14.00 -4.28 -9.29
CA VAL A 372 13.71 -3.29 -10.32
C VAL A 372 14.68 -3.46 -11.50
N LEU A 373 14.12 -3.55 -12.70
CA LEU A 373 14.85 -3.73 -13.94
C LEU A 373 14.68 -2.53 -14.84
N GLY A 374 15.61 -2.40 -15.79
CA GLY A 374 15.46 -1.47 -16.90
C GLY A 374 14.67 -2.12 -18.01
N GLU A 375 14.41 -1.34 -19.05
CA GLU A 375 13.69 -1.84 -20.24
C GLU A 375 14.38 -3.03 -20.90
N ASP A 376 15.71 -3.12 -20.78
CA ASP A 376 16.46 -4.29 -21.27
C ASP A 376 16.27 -5.63 -20.50
N LYS A 377 15.54 -5.60 -19.37
CA LYS A 377 15.29 -6.78 -18.51
C LYS A 377 16.51 -7.18 -17.66
N LYS A 378 17.40 -6.22 -17.45
CA LYS A 378 18.56 -6.39 -16.58
C LYS A 378 18.41 -5.37 -15.46
N LYS A 379 19.26 -5.47 -14.46
CA LYS A 379 19.10 -4.70 -13.23
C LYS A 379 19.13 -3.20 -13.51
N PHE A 380 18.37 -2.44 -12.72
CA PHE A 380 18.23 -1.00 -12.93
C PHE A 380 19.47 -0.30 -12.40
N LYS A 381 20.32 0.19 -13.30
CA LYS A 381 21.60 0.83 -12.94
C LYS A 381 21.85 2.10 -13.72
N THR A 382 22.69 2.98 -13.17
CA THR A 382 23.20 4.12 -13.94
C THR A 382 24.34 3.62 -14.82
N ARG A 383 24.82 4.50 -15.70
CA ARG A 383 25.93 4.21 -16.60
C ARG A 383 27.18 4.99 -16.18
N SER A 384 28.04 4.50 -15.30
CA SER A 384 27.87 3.29 -14.52
C SER A 384 28.82 3.37 -13.32
N GLY A 385 28.72 2.46 -12.35
CA GLY A 385 27.62 1.51 -12.18
C GLY A 385 26.86 1.77 -10.89
N GLU A 386 26.85 3.04 -10.46
CA GLU A 386 26.27 3.41 -9.17
C GLU A 386 24.75 3.42 -9.22
N THR A 387 24.13 3.37 -8.04
CA THR A 387 22.67 3.27 -7.95
C THR A 387 22.05 4.62 -8.25
N VAL A 388 21.06 4.63 -9.12
CA VAL A 388 20.32 5.85 -9.48
C VAL A 388 19.50 6.36 -8.28
N ARG A 389 19.62 7.65 -8.00
CA ARG A 389 19.00 8.26 -6.81
C ARG A 389 17.51 8.55 -7.03
N LEU A 390 16.77 8.69 -5.93
CA LEU A 390 15.34 9.00 -6.01
C LEU A 390 15.12 10.40 -6.51
N MET A 391 15.88 11.36 -5.99
CA MET A 391 15.75 12.74 -6.43
C MET A 391 16.02 12.88 -7.95
N ASP A 392 16.84 12.01 -8.51
CA ASP A 392 17.04 11.96 -9.97
C ASP A 392 15.85 11.37 -10.72
N LEU A 393 15.26 10.31 -10.15
CA LEU A 393 14.05 9.72 -10.73
C LEU A 393 12.84 10.66 -10.63
N LEU A 394 12.60 11.19 -9.43
CA LEU A 394 11.53 12.16 -9.23
C LEU A 394 11.76 13.42 -10.07
N GLY A 395 13.01 13.89 -10.14
CA GLY A 395 13.37 15.01 -11.00
C GLY A 395 13.12 14.77 -12.48
N GLU A 396 13.48 13.58 -12.96
CA GLU A 396 13.28 13.25 -14.36
C GLU A 396 11.78 13.15 -14.65
N GLY A 397 11.03 12.51 -13.74
CA GLY A 397 9.58 12.38 -13.88
C GLY A 397 8.88 13.72 -13.97
N LEU A 398 9.28 14.64 -13.10
CA LEU A 398 8.81 16.02 -13.16
C LEU A 398 9.18 16.74 -14.47
N LYS A 399 10.38 16.51 -14.99
CA LYS A 399 10.80 17.04 -16.30
C LYS A 399 9.91 16.54 -17.43
N ARG A 400 9.87 15.21 -17.63
CA ARG A 400 9.09 14.60 -18.70
C ARG A 400 7.58 14.91 -18.57
N SER A 401 7.09 15.01 -17.32
CA SER A 401 5.70 15.39 -17.07
C SER A 401 5.43 16.78 -17.63
N MET A 402 6.31 17.74 -17.34
CA MET A 402 6.20 19.11 -17.88
C MET A 402 6.25 19.10 -19.41
N ASP A 403 7.24 18.41 -19.99
CA ASP A 403 7.36 18.29 -21.46
C ASP A 403 6.02 17.93 -22.13
N LYS A 404 5.27 16.97 -21.56
CA LYS A 404 3.92 16.63 -22.05
C LYS A 404 2.96 17.81 -21.96
N LEU A 405 2.97 18.49 -20.82
CA LEU A 405 2.14 19.67 -20.61
C LEU A 405 2.51 20.80 -21.59
N LYS A 406 3.81 20.96 -21.87
CA LYS A 406 4.30 21.98 -22.82
C LYS A 406 3.66 21.88 -24.21
N GLU A 407 3.24 20.69 -24.60
CA GLU A 407 2.34 20.50 -25.75
C GLU A 407 0.88 20.28 -25.23
N LYS A 408 0.05 21.32 -25.09
CA LYS A 408 0.35 22.73 -25.36
C LYS A 408 -0.24 23.63 -24.28
N GLU A 409 -0.29 23.13 -23.04
CA GLU A 409 -1.04 23.76 -21.95
C GLU A 409 -0.35 25.02 -21.40
N ARG A 410 -0.18 26.01 -22.27
CA ARG A 410 0.63 27.20 -21.98
C ARG A 410 -0.04 28.37 -21.26
N ASP A 411 -0.96 29.07 -21.93
CA ASP A 411 -1.73 30.15 -21.30
C ASP A 411 -3.08 29.66 -20.79
N LYS A 412 -3.52 28.50 -21.29
CA LYS A 412 -4.76 27.86 -20.83
C LYS A 412 -4.80 27.72 -19.30
N VAL A 413 -3.68 27.28 -18.71
CA VAL A 413 -3.60 26.99 -17.27
C VAL A 413 -2.68 27.97 -16.54
N LEU A 414 -3.06 28.32 -15.31
CA LEU A 414 -2.22 29.08 -14.39
C LEU A 414 -1.00 28.26 -14.03
N THR A 415 0.13 28.92 -13.78
CA THR A 415 1.33 28.20 -13.38
C THR A 415 1.22 27.64 -11.96
N ALA A 416 0.32 28.19 -11.15
CA ALA A 416 -0.05 27.58 -9.88
C ALA A 416 -0.67 26.21 -10.13
N GLU A 417 -1.66 26.18 -11.03
CA GLU A 417 -2.39 24.95 -11.36
C GLU A 417 -1.75 24.09 -12.48
N GLU A 418 -0.56 24.50 -12.94
CA GLU A 418 0.19 23.77 -13.97
C GLU A 418 1.57 23.33 -13.45
N LEU A 419 2.45 24.31 -13.20
CA LEU A 419 3.89 24.08 -12.83
C LEU A 419 4.08 23.27 -11.55
N ASN A 420 3.03 23.19 -10.73
CA ASN A 420 2.96 22.15 -9.71
C ASN A 420 1.79 21.21 -10.02
N ALA A 421 0.56 21.68 -9.77
CA ALA A 421 -0.60 20.79 -9.66
C ALA A 421 -0.64 19.66 -10.69
N ALA A 422 -0.70 20.03 -11.98
CA ALA A 422 -0.81 19.05 -13.06
C ALA A 422 0.48 18.27 -13.21
N GLN A 423 1.59 18.99 -13.24
CA GLN A 423 2.92 18.36 -13.32
C GLN A 423 3.13 17.25 -12.30
N THR A 424 2.86 17.57 -11.03
CA THR A 424 3.19 16.67 -9.92
C THR A 424 2.20 15.51 -9.82
N SER A 425 0.91 15.79 -10.00
CA SER A 425 -0.13 14.76 -10.05
C SER A 425 0.25 13.62 -10.99
N VAL A 426 0.62 14.00 -12.22
CA VAL A 426 0.95 13.05 -13.28
C VAL A 426 2.28 12.35 -13.01
N ALA A 427 3.29 13.11 -12.56
CA ALA A 427 4.64 12.52 -12.37
C ALA A 427 4.64 11.51 -11.24
N TYR A 428 4.24 11.96 -10.05
CA TYR A 428 4.18 11.07 -8.87
C TYR A 428 3.08 10.04 -8.98
N GLY A 429 1.96 10.39 -9.61
CA GLY A 429 0.86 9.44 -9.82
C GLY A 429 1.21 8.26 -10.71
N CYS A 430 1.87 8.53 -11.83
CA CYS A 430 2.34 7.46 -12.73
C CYS A 430 3.46 6.62 -12.13
N ILE A 431 4.35 7.24 -11.35
CA ILE A 431 5.42 6.49 -10.64
C ILE A 431 4.81 5.49 -9.61
N LYS A 432 3.86 5.96 -8.81
CA LYS A 432 3.18 5.11 -7.83
C LYS A 432 2.36 4.03 -8.51
N TYR A 433 1.60 4.42 -9.52
CA TYR A 433 0.65 3.52 -10.13
C TYR A 433 1.31 2.41 -10.94
N ALA A 434 2.29 2.75 -11.78
CA ALA A 434 3.01 1.73 -12.58
C ALA A 434 3.57 0.59 -11.71
N ASP A 435 4.06 0.95 -10.52
CA ASP A 435 4.59 -0.02 -9.59
C ASP A 435 3.44 -0.85 -9.05
N LEU A 436 2.51 -0.20 -8.38
CA LEU A 436 1.38 -0.87 -7.68
C LEU A 436 0.44 -1.67 -8.58
N SER A 437 0.36 -1.29 -9.86
CA SER A 437 -0.51 -1.94 -10.84
C SER A 437 0.01 -3.29 -11.29
N HIS A 438 1.26 -3.60 -10.94
CA HIS A 438 1.86 -4.92 -11.14
C HIS A 438 1.94 -5.64 -9.80
N ASN A 439 1.79 -6.95 -9.86
CA ASN A 439 1.94 -7.81 -8.69
C ASN A 439 3.30 -7.60 -8.04
N ARG A 440 3.26 -7.18 -6.78
CA ARG A 440 4.46 -6.69 -6.07
C ARG A 440 5.65 -7.65 -6.14
N LEU A 441 5.37 -8.94 -5.95
CA LEU A 441 6.37 -10.00 -5.93
C LEU A 441 7.20 -10.11 -7.21
N ASN A 442 6.66 -9.70 -8.36
CA ASN A 442 7.34 -9.89 -9.64
C ASN A 442 8.47 -8.89 -9.82
N ASP A 443 9.41 -9.24 -10.69
CA ASP A 443 10.36 -8.27 -11.24
C ASP A 443 9.56 -7.10 -11.86
N TYR A 444 9.96 -5.87 -11.54
CA TYR A 444 9.32 -4.65 -12.01
C TYR A 444 10.20 -3.92 -13.06
N ILE A 445 9.65 -3.61 -14.23
CA ILE A 445 10.36 -2.87 -15.27
C ILE A 445 10.03 -1.40 -15.10
N PHE A 446 11.03 -0.59 -14.73
CA PHE A 446 10.86 0.85 -14.62
C PHE A 446 11.00 1.54 -15.98
N SER A 447 9.92 2.13 -16.48
CA SER A 447 9.88 2.69 -17.82
C SER A 447 9.03 3.94 -17.80
N PHE A 448 9.68 5.09 -17.93
CA PHE A 448 8.99 6.37 -18.11
C PHE A 448 8.02 6.39 -19.27
N ASP A 449 8.46 5.85 -20.41
CA ASP A 449 7.64 5.85 -21.63
C ASP A 449 6.33 5.12 -21.40
N LYS A 450 6.40 3.92 -20.83
CA LYS A 450 5.22 3.11 -20.61
C LYS A 450 4.34 3.68 -19.49
N MET A 451 4.96 4.11 -18.38
CA MET A 451 4.18 4.65 -17.26
C MET A 451 3.46 5.96 -17.59
N LEU A 452 4.07 6.81 -18.43
CA LEU A 452 3.51 8.13 -18.74
C LEU A 452 2.55 8.16 -19.94
N ASP A 453 2.29 7.02 -20.56
CA ASP A 453 1.45 6.96 -21.74
C ASP A 453 0.00 7.33 -21.39
N ASP A 454 -0.61 8.15 -22.24
CA ASP A 454 -1.99 8.61 -22.04
C ASP A 454 -3.05 7.54 -22.24
N ARG A 455 -2.73 6.44 -22.92
CA ARG A 455 -3.67 5.33 -23.15
C ARG A 455 -3.29 4.09 -22.36
N GLY A 456 -4.26 3.19 -22.21
CA GLY A 456 -4.08 1.95 -21.43
C GLY A 456 -4.07 2.16 -19.93
N ASN A 457 -3.48 1.22 -19.20
CA ASN A 457 -3.62 1.18 -17.75
C ASN A 457 -2.55 2.01 -17.05
N THR A 458 -2.72 3.33 -17.04
CA THR A 458 -1.73 4.25 -16.48
C THR A 458 -2.40 5.30 -15.62
N ALA A 459 -1.64 5.84 -14.69
CA ALA A 459 -2.17 6.94 -13.91
C ALA A 459 -2.60 8.09 -14.83
N ALA A 460 -1.83 8.32 -15.90
CA ALA A 460 -2.11 9.39 -16.86
C ALA A 460 -3.48 9.21 -17.53
N TYR A 461 -3.79 8.00 -18.00
CA TYR A 461 -5.14 7.67 -18.49
C TYR A 461 -6.20 7.88 -17.39
N LEU A 462 -5.96 7.31 -16.21
CA LEU A 462 -6.97 7.32 -15.13
C LEU A 462 -7.24 8.74 -14.58
N LEU A 463 -6.20 9.54 -14.44
CA LEU A 463 -6.39 10.96 -14.09
C LEU A 463 -7.29 11.75 -15.07
N TYR A 464 -7.04 11.57 -16.38
CA TYR A 464 -7.95 12.06 -17.43
C TYR A 464 -9.37 11.51 -17.28
N ALA A 465 -9.50 10.21 -17.09
CA ALA A 465 -10.81 9.57 -16.94
C ALA A 465 -11.61 10.18 -15.79
N PHE A 466 -10.93 10.37 -14.64
CA PHE A 466 -11.56 10.93 -13.42
C PHE A 466 -12.09 12.34 -13.69
N THR A 467 -11.24 13.19 -14.25
CA THR A 467 -11.60 14.57 -14.64
C THR A 467 -12.83 14.58 -15.55
N ARG A 468 -12.84 13.69 -16.54
CA ARG A 468 -13.93 13.64 -17.49
C ARG A 468 -15.24 13.20 -16.86
N ILE A 469 -15.17 12.17 -16.01
CA ILE A 469 -16.34 11.68 -15.28
C ILE A 469 -16.91 12.80 -14.39
N ARG A 470 -16.04 13.48 -13.67
CA ARG A 470 -16.52 14.62 -12.87
C ARG A 470 -17.11 15.74 -13.73
N SER A 471 -16.73 15.85 -15.00
CA SER A 471 -17.12 17.03 -15.76
C SER A 471 -18.54 16.94 -16.35
N ILE A 472 -19.19 15.78 -16.26
CA ILE A 472 -20.39 15.58 -17.05
C ILE A 472 -21.59 16.28 -16.43
N ALA A 473 -21.69 16.23 -15.11
CA ALA A 473 -22.74 16.96 -14.42
C ALA A 473 -22.46 18.49 -14.39
N ARG A 474 -21.21 18.89 -14.16
CA ARG A 474 -20.88 20.33 -14.06
C ARG A 474 -21.08 21.06 -15.39
N LEU A 475 -20.68 20.42 -16.50
CA LEU A 475 -20.82 20.99 -17.87
C LEU A 475 -22.27 21.03 -18.41
N ALA A 476 -23.20 20.39 -17.71
CA ALA A 476 -24.64 20.56 -17.95
C ALA A 476 -25.29 21.61 -17.02
N ASN A 477 -24.49 22.38 -16.27
CA ASN A 477 -24.98 23.35 -15.27
C ASN A 477 -25.80 22.71 -14.15
N ILE A 478 -25.39 21.51 -13.73
CA ILE A 478 -25.91 20.89 -12.52
C ILE A 478 -24.83 21.14 -11.48
N ASP A 479 -25.24 21.64 -10.32
CA ASP A 479 -24.30 21.92 -9.25
C ASP A 479 -24.42 20.86 -8.14
N GLU A 480 -23.64 21.06 -7.08
CA GLU A 480 -23.48 20.06 -6.04
C GLU A 480 -24.79 19.86 -5.28
N GLU A 481 -25.46 20.95 -4.97
CA GLU A 481 -26.74 20.91 -4.28
C GLU A 481 -27.81 20.15 -5.07
N MET A 482 -27.95 20.46 -6.36
CA MET A 482 -28.84 19.71 -7.25
C MET A 482 -28.54 18.19 -7.29
N LEU A 483 -27.26 17.83 -7.30
CA LEU A 483 -26.86 16.43 -7.33
C LEU A 483 -27.17 15.74 -6.00
N GLN A 484 -26.92 16.43 -4.89
CA GLN A 484 -27.27 15.88 -3.57
C GLN A 484 -28.78 15.85 -3.37
N LYS A 485 -29.50 16.79 -3.94
CA LYS A 485 -30.96 16.72 -3.92
C LYS A 485 -31.45 15.54 -4.79
N ALA A 486 -30.93 15.45 -6.01
CA ALA A 486 -31.29 14.37 -6.92
C ALA A 486 -31.08 12.99 -6.29
N ALA A 487 -29.94 12.83 -5.63
CA ALA A 487 -29.59 11.59 -4.93
C ALA A 487 -30.62 11.15 -3.89
N ARG A 488 -31.21 12.09 -3.17
CA ARG A 488 -32.25 11.77 -2.18
C ARG A 488 -33.59 11.38 -2.80
N GLU A 489 -33.99 12.01 -3.90
CA GLU A 489 -35.35 11.79 -4.46
C GLU A 489 -35.44 11.11 -5.84
N THR A 490 -34.31 10.67 -6.42
CA THR A 490 -34.27 10.05 -7.75
C THR A 490 -34.04 8.54 -7.65
N LYS A 491 -34.86 7.77 -8.35
CA LYS A 491 -34.61 6.34 -8.52
C LYS A 491 -33.58 6.19 -9.65
N ILE A 492 -32.46 5.56 -9.31
CA ILE A 492 -31.41 5.26 -10.25
C ILE A 492 -31.81 4.01 -11.05
N LEU A 493 -32.07 4.21 -12.34
CA LEU A 493 -32.54 3.17 -13.23
C LEU A 493 -31.35 2.43 -13.79
N LEU A 494 -31.53 1.11 -13.95
CA LEU A 494 -30.47 0.23 -14.43
C LEU A 494 -31.01 -0.72 -15.51
N ASP A 495 -31.79 -0.18 -16.44
CA ASP A 495 -32.45 -0.99 -17.48
C ASP A 495 -31.53 -1.41 -18.62
N HIS A 496 -30.73 -0.48 -19.10
CA HIS A 496 -29.76 -0.74 -20.16
C HIS A 496 -28.61 -1.60 -19.64
N GLU A 497 -28.12 -2.53 -20.46
CA GLU A 497 -27.10 -3.53 -20.07
C GLU A 497 -25.80 -2.93 -19.50
N LYS A 498 -25.38 -1.82 -20.08
CA LYS A 498 -24.19 -1.09 -19.64
C LYS A 498 -24.38 -0.24 -18.39
N GLU A 499 -25.61 0.21 -18.12
CA GLU A 499 -25.95 0.70 -16.76
C GLU A 499 -25.86 -0.44 -15.73
N TRP A 500 -26.32 -1.63 -16.11
CA TRP A 500 -26.36 -2.78 -15.19
C TRP A 500 -24.98 -3.39 -14.90
N LYS A 501 -24.10 -3.37 -15.91
CA LYS A 501 -22.71 -3.80 -15.74
C LYS A 501 -22.01 -2.82 -14.81
N LEU A 502 -22.23 -1.53 -15.05
CA LEU A 502 -21.55 -0.47 -14.30
C LEU A 502 -21.99 -0.44 -12.84
N GLY A 503 -23.29 -0.56 -12.61
CA GLY A 503 -23.83 -0.55 -11.24
C GLY A 503 -23.28 -1.66 -10.37
N ARG A 504 -23.26 -2.89 -10.91
CA ARG A 504 -22.72 -4.04 -10.18
C ARG A 504 -21.20 -3.96 -10.00
N CYS A 505 -20.50 -3.41 -11.00
CA CYS A 505 -19.07 -3.16 -10.87
C CYS A 505 -18.76 -2.19 -9.71
N ILE A 506 -19.49 -1.08 -9.62
CA ILE A 506 -19.32 -0.11 -8.54
C ILE A 506 -19.44 -0.81 -7.18
N LEU A 507 -20.46 -1.66 -7.04
CA LEU A 507 -20.68 -2.32 -5.75
C LEU A 507 -19.68 -3.38 -5.31
N ARG A 508 -18.68 -3.71 -6.14
CA ARG A 508 -17.65 -4.67 -5.75
C ARG A 508 -16.48 -4.06 -4.94
N PHE A 509 -16.47 -2.74 -4.73
CA PHE A 509 -15.35 -2.07 -4.07
C PHE A 509 -14.98 -2.69 -2.72
N PRO A 510 -15.96 -2.88 -1.82
CA PRO A 510 -15.65 -3.48 -0.50
C PRO A 510 -15.09 -4.89 -0.58
N GLU A 511 -15.64 -5.72 -1.47
CA GLU A 511 -15.11 -7.06 -1.77
C GLU A 511 -13.64 -7.01 -2.08
N ILE A 512 -13.29 -6.10 -2.98
CA ILE A 512 -11.96 -6.01 -3.52
C ILE A 512 -11.01 -5.67 -2.37
N LEU A 513 -11.34 -4.61 -1.64
CA LEU A 513 -10.54 -4.18 -0.49
C LEU A 513 -10.41 -5.29 0.58
N GLN A 514 -11.51 -5.97 0.90
CA GLN A 514 -11.49 -7.10 1.86
C GLN A 514 -10.44 -8.17 1.53
N LYS A 515 -10.32 -8.50 0.25
CA LYS A 515 -9.33 -9.48 -0.16
C LYS A 515 -7.89 -8.99 0.02
N ILE A 516 -7.65 -7.71 -0.33
CA ILE A 516 -6.31 -7.11 -0.17
C ILE A 516 -5.91 -6.96 1.32
N LEU A 517 -6.88 -6.70 2.18
CA LEU A 517 -6.61 -6.76 3.63
C LEU A 517 -6.06 -8.10 4.08
N ASP A 518 -6.43 -9.19 3.39
CA ASP A 518 -5.83 -10.51 3.69
C ASP A 518 -4.48 -10.73 3.02
N ASP A 519 -4.38 -10.47 1.73
CA ASP A 519 -3.22 -10.94 0.95
C ASP A 519 -2.22 -9.87 0.53
N LEU A 520 -2.57 -8.60 0.75
CA LEU A 520 -1.66 -7.47 0.52
C LEU A 520 -1.19 -7.32 -0.94
N PHE A 521 -2.01 -7.71 -1.91
CA PHE A 521 -1.71 -7.56 -3.33
C PHE A 521 -2.50 -6.38 -3.87
N LEU A 522 -1.91 -5.19 -3.77
CA LEU A 522 -2.59 -3.97 -4.18
C LEU A 522 -2.88 -3.85 -5.69
N HIS A 523 -2.25 -4.71 -6.51
CA HIS A 523 -2.52 -4.69 -7.95
C HIS A 523 -3.97 -5.03 -8.33
N THR A 524 -4.67 -5.77 -7.48
CA THR A 524 -6.08 -6.07 -7.73
C THR A 524 -6.95 -4.83 -7.57
N LEU A 525 -6.53 -3.89 -6.72
CA LEU A 525 -7.18 -2.58 -6.63
C LEU A 525 -6.97 -1.75 -7.92
N CYS A 526 -5.75 -1.68 -8.41
CA CYS A 526 -5.48 -1.09 -9.74
C CYS A 526 -6.27 -1.77 -10.88
N ASP A 527 -6.37 -3.11 -10.87
CA ASP A 527 -7.19 -3.86 -11.84
C ASP A 527 -8.67 -3.44 -11.79
N TYR A 528 -9.21 -3.42 -10.59
CA TYR A 528 -10.60 -2.99 -10.37
C TYR A 528 -10.83 -1.53 -10.85
N ILE A 529 -9.95 -0.62 -10.43
CA ILE A 529 -10.11 0.78 -10.85
C ILE A 529 -10.07 0.87 -12.38
N TYR A 530 -9.14 0.19 -13.03
CA TYR A 530 -9.15 0.16 -14.50
C TYR A 530 -10.43 -0.44 -15.11
N GLU A 531 -10.94 -1.52 -14.50
CA GLU A 531 -12.17 -2.17 -14.95
C GLU A 531 -13.35 -1.20 -14.79
N LEU A 532 -13.36 -0.49 -13.67
CA LEU A 532 -14.36 0.54 -13.38
C LEU A 532 -14.34 1.68 -14.40
N ALA A 533 -13.14 2.14 -14.74
CA ALA A 533 -12.99 3.16 -15.79
C ALA A 533 -13.50 2.65 -17.13
N THR A 534 -13.20 1.38 -17.43
CA THR A 534 -13.58 0.80 -18.72
C THR A 534 -15.09 0.69 -18.78
N ALA A 535 -15.69 0.16 -17.71
CA ALA A 535 -17.16 0.01 -17.63
C ALA A 535 -17.87 1.37 -17.69
N PHE A 536 -17.33 2.39 -17.03
CA PHE A 536 -17.83 3.72 -17.27
C PHE A 536 -17.83 4.10 -18.75
N THR A 537 -16.70 3.96 -19.42
CA THR A 537 -16.66 4.39 -20.84
C THR A 537 -17.64 3.63 -21.73
N GLU A 538 -17.92 2.36 -21.41
CA GLU A 538 -18.90 1.57 -22.13
C GLU A 538 -20.30 2.11 -21.85
N PHE A 539 -20.54 2.52 -20.59
CA PHE A 539 -21.76 3.20 -20.21
C PHE A 539 -21.90 4.54 -20.91
N TYR A 540 -20.86 5.35 -20.83
CA TYR A 540 -20.93 6.70 -21.39
C TYR A 540 -21.10 6.64 -22.92
N ASP A 541 -20.37 5.75 -23.58
CA ASP A 541 -20.51 5.58 -25.04
C ASP A 541 -21.92 5.12 -25.50
N SER A 542 -22.62 4.35 -24.69
CA SER A 542 -23.85 3.68 -25.12
C SER A 542 -25.16 4.29 -24.58
N CYS A 543 -25.05 5.21 -23.61
CA CYS A 543 -26.19 5.82 -22.95
C CYS A 543 -26.02 7.35 -22.91
N TYR A 544 -27.01 8.08 -23.42
CA TYR A 544 -26.99 9.53 -23.43
C TYR A 544 -27.18 10.08 -22.01
N CYS A 545 -26.25 10.93 -21.56
CA CYS A 545 -26.42 11.63 -20.28
C CYS A 545 -27.19 12.93 -20.51
N VAL A 546 -26.79 13.69 -21.52
CA VAL A 546 -27.51 14.87 -21.98
C VAL A 546 -27.93 14.61 -23.42
N GLU A 547 -29.17 14.99 -23.76
CA GLU A 547 -29.70 14.81 -25.12
C GLU A 547 -29.84 16.15 -25.83
N LYS A 548 -29.26 16.24 -27.04
CA LYS A 548 -29.12 17.49 -27.77
C LYS A 548 -29.71 17.40 -29.18
N ASP A 549 -30.27 18.52 -29.64
CA ASP A 549 -30.76 18.60 -31.01
C ASP A 549 -29.64 18.33 -32.02
N ARG A 550 -29.88 17.42 -32.95
CA ARG A 550 -28.94 17.04 -34.02
C ARG A 550 -28.30 18.24 -34.74
N GLN A 551 -29.10 19.26 -35.05
CA GLN A 551 -28.66 20.39 -35.89
C GLN A 551 -28.15 21.59 -35.08
N THR A 552 -28.97 22.06 -34.14
CA THR A 552 -28.67 23.27 -33.37
C THR A 552 -27.77 23.02 -32.16
N GLY A 553 -27.74 21.76 -31.68
CA GLY A 553 -27.00 21.42 -30.47
C GLY A 553 -27.61 21.91 -29.17
N LYS A 554 -28.87 22.34 -29.22
CA LYS A 554 -29.60 22.87 -28.06
C LYS A 554 -29.87 21.77 -27.04
N ILE A 555 -29.77 22.10 -25.77
CA ILE A 555 -29.97 21.11 -24.70
C ILE A 555 -31.47 20.83 -24.55
N LEU A 556 -31.87 19.58 -24.79
CA LEU A 556 -33.27 19.14 -24.72
C LEU A 556 -33.58 18.44 -23.38
N LYS A 557 -32.81 17.43 -23.02
CA LYS A 557 -33.04 16.69 -21.76
C LYS A 557 -31.74 16.32 -21.05
N VAL A 558 -31.82 16.31 -19.73
CA VAL A 558 -30.79 15.79 -18.85
C VAL A 558 -31.41 14.57 -18.17
N ASN A 559 -30.68 13.46 -18.20
CA ASN A 559 -31.10 12.22 -17.55
C ASN A 559 -30.37 12.16 -16.23
N MET A 560 -31.08 12.54 -15.17
CA MET A 560 -30.49 12.73 -13.86
C MET A 560 -29.89 11.46 -13.27
N TRP A 561 -30.57 10.32 -13.40
CA TRP A 561 -30.04 9.08 -12.85
C TRP A 561 -28.69 8.74 -13.44
N ARG A 562 -28.52 9.05 -14.71
CA ARG A 562 -27.24 8.85 -15.41
C ARG A 562 -26.16 9.82 -14.95
N MET A 563 -26.54 11.06 -14.62
CA MET A 563 -25.62 11.92 -13.90
C MET A 563 -25.24 11.24 -12.59
N LEU A 564 -26.22 10.76 -11.85
CA LEU A 564 -25.92 10.11 -10.60
C LEU A 564 -24.98 8.92 -10.77
N LEU A 565 -25.10 8.15 -11.88
CA LEU A 565 -24.16 7.03 -12.14
C LEU A 565 -22.75 7.51 -12.31
N CYS A 566 -22.56 8.61 -13.06
CA CYS A 566 -21.26 9.27 -13.14
C CYS A 566 -20.69 9.63 -11.77
N GLU A 567 -21.53 10.22 -10.91
CA GLU A 567 -21.06 10.63 -9.58
C GLU A 567 -20.66 9.44 -8.70
N ALA A 568 -21.42 8.35 -8.78
CA ALA A 568 -21.12 7.15 -8.01
C ALA A 568 -19.78 6.56 -8.42
N VAL A 569 -19.48 6.64 -9.72
CA VAL A 569 -18.19 6.19 -10.22
C VAL A 569 -17.05 7.09 -9.69
N ALA A 570 -17.24 8.41 -9.78
CA ALA A 570 -16.28 9.36 -9.21
C ALA A 570 -15.95 9.10 -7.76
N ALA A 571 -17.00 8.91 -6.96
CA ALA A 571 -16.87 8.64 -5.54
C ALA A 571 -15.98 7.45 -5.23
N VAL A 572 -16.16 6.34 -5.97
CA VAL A 572 -15.38 5.12 -5.75
C VAL A 572 -13.94 5.25 -6.27
N MET A 573 -13.82 5.79 -7.48
CA MET A 573 -12.52 6.10 -8.05
C MET A 573 -11.69 7.03 -7.17
N ALA A 574 -12.31 8.09 -6.63
CA ALA A 574 -11.60 9.01 -5.72
C ALA A 574 -11.03 8.27 -4.51
N LYS A 575 -11.84 7.38 -3.96
CA LYS A 575 -11.42 6.56 -2.84
C LYS A 575 -10.27 5.60 -3.18
N GLY A 576 -10.38 4.92 -4.32
CA GLY A 576 -9.29 4.04 -4.81
C GLY A 576 -7.99 4.78 -5.04
N PHE A 577 -8.08 5.91 -5.74
CA PHE A 577 -6.96 6.85 -5.86
C PHE A 577 -6.29 7.17 -4.50
N ASP A 578 -7.09 7.56 -3.50
CA ASP A 578 -6.58 7.86 -2.15
C ASP A 578 -5.77 6.70 -1.58
N ILE A 579 -6.31 5.50 -1.62
CA ILE A 579 -5.58 4.34 -1.10
C ILE A 579 -4.24 4.18 -1.82
N LEU A 580 -4.24 4.30 -3.15
CA LEU A 580 -3.02 4.16 -3.94
C LEU A 580 -2.05 5.35 -3.87
N GLY A 581 -2.50 6.49 -3.37
CA GLY A 581 -1.67 7.70 -3.27
C GLY A 581 -1.70 8.60 -4.51
N ILE A 582 -2.71 8.45 -5.37
CA ILE A 582 -2.84 9.27 -6.58
C ILE A 582 -3.67 10.51 -6.23
N LYS A 583 -3.11 11.71 -6.43
CA LYS A 583 -3.86 12.95 -6.21
C LYS A 583 -4.40 13.49 -7.54
N PRO A 584 -5.73 13.68 -7.64
CA PRO A 584 -6.29 14.38 -8.80
C PRO A 584 -6.00 15.88 -8.84
N VAL A 585 -6.04 16.43 -10.06
CA VAL A 585 -6.08 17.86 -10.31
C VAL A 585 -6.99 18.08 -11.53
N GLN A 586 -8.07 18.85 -11.37
CA GLN A 586 -9.17 18.94 -12.38
C GLN A 586 -9.10 20.12 -13.37
N ARG A 587 -8.10 21.00 -13.23
CA ARG A 587 -8.10 22.32 -13.89
C ARG A 587 -8.01 22.36 -15.44
N MET A 588 -7.62 21.24 -16.08
CA MET A 588 -7.56 21.18 -17.56
C MET A 588 -8.96 20.97 -18.16
#